data_8G2G
#
_entry.id   8G2G
#
_cell.length_a   95.808
_cell.length_b   99.863
_cell.length_c   170.314
_cell.angle_alpha   90.00
_cell.angle_beta   90.00
_cell.angle_gamma   90.00
#
_symmetry.space_group_name_H-M   'C 2 2 21'
#
loop_
_entity.id
_entity.type
_entity.pdbx_description
1 polymer 'Protein arginine N-methyltransferase 3'
2 non-polymer "5'-S-[2-(benzylcarbamamido)ethyl]-5'-thioadenosine"
3 non-polymer 'SULFATE ION'
4 water water
#
_entity_poly.entity_id   1
_entity_poly.type   'polypeptide(L)'
_entity_poly.pdbx_seq_one_letter_code
;MGSSHHHHHHSSGLVPRGSDLQEDEDGVYFSSYGHYGIHEEMLKDKIRTESYRDFIYQNPHIFKDKVVLDVGCGTGILSM
FAAKAGAKKVLGVDQSEILYQAMDIIRLNKLEDTITLIKGKIEEVHLPVEKVDVIISEWMGYFLLFESMLDSVLYAKNKY
LAKGGSVYPDICTISLVAVSDVNKHADRIAFWDDVYGFKMSCMKKAVIPEAVVEVLDPKTLISEPCGIKHIDCHTTSISD
LEFSSDFTLKITRTSMCTAIAGYFDIYFEKNCHNRVVFSTGPQSTKTHWKQTVFLLEKPFSVKAGEALKGKVTVHKNKKD
PRSLTVTLTLNNSTQTYGLQ
;
_entity_poly.pdbx_strand_id   A,B
#
# COMPACT_ATOMS: atom_id res chain seq x y z
N ASP A 26 -0.47 -16.80 -3.80
CA ASP A 26 -1.14 -16.97 -2.47
C ASP A 26 -2.02 -18.24 -2.49
N GLY A 27 -1.99 -19.03 -1.42
CA GLY A 27 -2.67 -20.34 -1.29
C GLY A 27 -4.19 -20.24 -1.45
N VAL A 28 -4.81 -19.23 -0.82
CA VAL A 28 -6.27 -18.91 -0.90
C VAL A 28 -6.64 -18.59 -2.36
N TYR A 29 -5.82 -17.77 -3.03
CA TYR A 29 -6.03 -17.28 -4.41
C TYR A 29 -6.08 -18.46 -5.42
N PHE A 30 -5.04 -19.29 -5.45
CA PHE A 30 -4.92 -20.43 -6.39
C PHE A 30 -5.92 -21.54 -6.02
N SER A 31 -6.23 -21.72 -4.71
CA SER A 31 -7.30 -22.64 -4.20
C SER A 31 -8.65 -22.32 -4.87
N SER A 32 -9.10 -21.07 -4.87
CA SER A 32 -10.39 -20.61 -5.47
C SER A 32 -10.46 -21.02 -6.96
N TYR A 33 -9.34 -20.92 -7.69
CA TYR A 33 -9.27 -21.25 -9.14
C TYR A 33 -9.09 -22.76 -9.35
N GLY A 34 -8.97 -23.53 -8.26
CA GLY A 34 -8.91 -25.00 -8.30
C GLY A 34 -10.28 -25.61 -8.58
N HIS A 35 -11.37 -24.88 -8.29
CA HIS A 35 -12.77 -25.37 -8.40
C HIS A 35 -13.28 -25.04 -9.80
N TYR A 36 -14.07 -25.95 -10.40
CA TYR A 36 -14.59 -25.85 -11.78
C TYR A 36 -15.61 -24.70 -11.89
N GLY A 37 -16.23 -24.33 -10.76
CA GLY A 37 -17.31 -23.31 -10.71
C GLY A 37 -16.92 -22.00 -11.37
N ILE A 38 -15.74 -21.45 -11.04
CA ILE A 38 -15.31 -20.13 -11.61
C ILE A 38 -15.04 -20.31 -13.10
N HIS A 39 -14.48 -21.45 -13.51
CA HIS A 39 -14.14 -21.77 -14.93
C HIS A 39 -15.41 -21.92 -15.75
N GLU A 40 -16.45 -22.55 -15.18
CA GLU A 40 -17.79 -22.64 -15.82
C GLU A 40 -18.35 -21.24 -16.06
N GLU A 41 -18.37 -20.39 -15.05
CA GLU A 41 -18.91 -19.00 -15.13
C GLU A 41 -18.15 -18.23 -16.25
N MET A 42 -16.83 -18.28 -16.21
CA MET A 42 -15.95 -17.57 -17.18
C MET A 42 -16.23 -18.10 -18.59
N LEU A 43 -16.30 -19.42 -18.78
CA LEU A 43 -16.52 -20.04 -20.12
C LEU A 43 -17.91 -19.67 -20.64
N LYS A 44 -18.92 -19.58 -19.77
CA LYS A 44 -20.32 -19.28 -20.18
C LYS A 44 -20.50 -17.78 -20.43
N ASP A 45 -19.51 -16.95 -20.06
CA ASP A 45 -19.54 -15.50 -20.45
C ASP A 45 -19.30 -15.43 -21.95
N LYS A 46 -20.37 -15.35 -22.74
CA LYS A 46 -20.26 -15.40 -24.22
C LYS A 46 -19.44 -14.21 -24.74
N ILE A 47 -19.66 -13.00 -24.22
CA ILE A 47 -18.92 -11.79 -24.69
C ILE A 47 -17.41 -12.05 -24.52
N ARG A 48 -16.98 -12.49 -23.36
CA ARG A 48 -15.55 -12.81 -23.10
C ARG A 48 -15.08 -13.91 -24.05
N THR A 49 -15.79 -15.03 -24.08
CA THR A 49 -15.27 -16.26 -24.71
C THR A 49 -15.28 -16.12 -26.23
N GLU A 50 -16.38 -15.60 -26.80
CA GLU A 50 -16.50 -15.37 -28.27
C GLU A 50 -15.50 -14.30 -28.71
N SER A 51 -15.23 -13.28 -27.89
CA SER A 51 -14.25 -12.21 -28.24
C SER A 51 -12.88 -12.84 -28.49
N TYR A 52 -12.38 -13.64 -27.55
CA TYR A 52 -11.07 -14.34 -27.69
C TYR A 52 -11.11 -15.31 -28.89
N ARG A 53 -12.20 -16.08 -29.02
CA ARG A 53 -12.37 -17.07 -30.13
C ARG A 53 -12.27 -16.34 -31.47
N ASP A 54 -13.06 -15.27 -31.64
CA ASP A 54 -13.07 -14.41 -32.86
C ASP A 54 -11.68 -13.80 -33.09
N PHE A 55 -11.05 -13.24 -32.05
CA PHE A 55 -9.70 -12.65 -32.19
C PHE A 55 -8.76 -13.69 -32.81
N ILE A 56 -8.73 -14.89 -32.27
CA ILE A 56 -7.77 -15.94 -32.70
C ILE A 56 -8.19 -16.48 -34.08
N TYR A 57 -9.46 -16.87 -34.26
CA TYR A 57 -9.95 -17.53 -35.51
C TYR A 57 -9.91 -16.53 -36.69
N GLN A 58 -10.11 -15.22 -36.46
CA GLN A 58 -10.12 -14.22 -37.55
C GLN A 58 -8.74 -13.60 -37.81
N ASN A 59 -7.72 -13.94 -37.02
CA ASN A 59 -6.34 -13.44 -37.21
C ASN A 59 -5.33 -14.58 -37.13
N PRO A 60 -5.50 -15.68 -37.92
CA PRO A 60 -4.65 -16.86 -37.77
C PRO A 60 -3.18 -16.62 -38.13
N HIS A 61 -2.91 -15.56 -38.91
CA HIS A 61 -1.54 -15.11 -39.25
C HIS A 61 -0.79 -14.80 -37.94
N ILE A 62 -1.50 -14.44 -36.87
CA ILE A 62 -0.81 -14.13 -35.58
C ILE A 62 -0.27 -15.44 -34.95
N PHE A 63 -0.89 -16.60 -35.21
CA PHE A 63 -0.62 -17.90 -34.53
C PHE A 63 0.07 -18.91 -35.43
N LYS A 64 -0.07 -18.81 -36.76
CA LYS A 64 0.41 -19.82 -37.73
C LYS A 64 1.90 -20.05 -37.53
N ASP A 65 2.28 -21.28 -37.19
CA ASP A 65 3.70 -21.74 -37.07
C ASP A 65 4.40 -20.98 -35.95
N LYS A 66 3.67 -20.42 -34.97
CA LYS A 66 4.30 -19.64 -33.87
C LYS A 66 4.40 -20.44 -32.57
N VAL A 67 5.28 -20.00 -31.67
CA VAL A 67 5.36 -20.48 -30.26
C VAL A 67 4.51 -19.53 -29.39
N VAL A 68 3.49 -20.09 -28.74
CA VAL A 68 2.45 -19.34 -27.97
C VAL A 68 2.54 -19.77 -26.50
N LEU A 69 2.57 -18.77 -25.61
CA LEU A 69 2.49 -18.91 -24.13
C LEU A 69 1.10 -18.43 -23.66
N ASP A 70 0.30 -19.36 -23.15
CA ASP A 70 -1.02 -19.14 -22.50
C ASP A 70 -0.77 -19.02 -20.99
N VAL A 71 -0.72 -17.80 -20.47
CA VAL A 71 -0.42 -17.52 -19.03
C VAL A 71 -1.72 -17.58 -18.21
N GLY A 72 -1.82 -18.54 -17.29
CA GLY A 72 -3.06 -18.83 -16.53
C GLY A 72 -4.10 -19.51 -17.40
N CYS A 73 -3.73 -20.66 -18.00
CA CYS A 73 -4.49 -21.32 -19.09
C CYS A 73 -5.84 -21.85 -18.59
N GLY A 74 -6.04 -22.00 -17.27
CA GLY A 74 -7.26 -22.61 -16.72
C GLY A 74 -7.54 -23.97 -17.34
N THR A 75 -8.78 -24.22 -17.79
CA THR A 75 -9.21 -25.43 -18.55
C THR A 75 -8.43 -25.63 -19.86
N GLY A 76 -7.76 -24.61 -20.41
CA GLY A 76 -6.80 -24.75 -21.53
C GLY A 76 -7.39 -24.44 -22.91
N ILE A 77 -8.64 -23.97 -22.97
CA ILE A 77 -9.33 -23.73 -24.28
C ILE A 77 -8.64 -22.64 -25.10
N LEU A 78 -7.96 -21.64 -24.52
CA LEU A 78 -7.18 -20.65 -25.33
C LEU A 78 -6.05 -21.38 -26.07
N SER A 79 -5.35 -22.27 -25.36
CA SER A 79 -4.28 -23.11 -25.97
C SER A 79 -4.85 -23.92 -27.15
N MET A 80 -6.06 -24.45 -27.00
CA MET A 80 -6.70 -25.28 -28.07
C MET A 80 -7.16 -24.36 -29.22
N PHE A 81 -7.66 -23.15 -28.93
CA PHE A 81 -7.95 -22.12 -29.96
C PHE A 81 -6.69 -21.86 -30.80
N ALA A 82 -5.56 -21.66 -30.12
CA ALA A 82 -4.29 -21.29 -30.77
C ALA A 82 -3.83 -22.45 -31.65
N ALA A 83 -4.01 -23.69 -31.18
CA ALA A 83 -3.64 -24.92 -31.93
C ALA A 83 -4.46 -24.99 -33.23
N LYS A 84 -5.78 -24.88 -33.12
CA LYS A 84 -6.72 -24.82 -34.27
C LYS A 84 -6.26 -23.74 -35.26
N ALA A 85 -5.76 -22.59 -34.78
CA ALA A 85 -5.32 -21.45 -35.61
C ALA A 85 -3.92 -21.70 -36.21
N GLY A 86 -3.26 -22.81 -35.87
CA GLY A 86 -2.05 -23.30 -36.53
C GLY A 86 -0.77 -23.07 -35.72
N ALA A 87 -0.85 -22.89 -34.41
CA ALA A 87 0.35 -22.69 -33.58
C ALA A 87 1.27 -23.91 -33.76
N LYS A 88 2.57 -23.70 -33.91
CA LYS A 88 3.60 -24.78 -33.92
C LYS A 88 3.64 -25.42 -32.53
N LYS A 89 3.53 -24.62 -31.47
CA LYS A 89 3.79 -25.05 -30.08
C LYS A 89 3.03 -24.13 -29.14
N VAL A 90 2.23 -24.70 -28.24
CA VAL A 90 1.50 -23.91 -27.20
C VAL A 90 1.94 -24.41 -25.82
N LEU A 91 2.40 -23.49 -24.97
CA LEU A 91 2.75 -23.73 -23.55
C LEU A 91 1.66 -23.09 -22.67
N GLY A 92 0.84 -23.93 -22.04
CA GLY A 92 -0.20 -23.49 -21.08
C GLY A 92 0.28 -23.62 -19.65
N VAL A 93 0.31 -22.52 -18.90
CA VAL A 93 0.84 -22.47 -17.51
C VAL A 93 -0.27 -22.04 -16.56
N ASP A 94 -0.43 -22.76 -15.45
CA ASP A 94 -1.36 -22.42 -14.35
C ASP A 94 -0.79 -23.00 -13.04
N GLN A 95 -0.83 -22.21 -11.97
CA GLN A 95 -0.46 -22.67 -10.60
C GLN A 95 -1.63 -23.44 -9.98
N SER A 96 -2.86 -23.17 -10.42
CA SER A 96 -4.08 -23.85 -9.90
C SER A 96 -4.06 -25.35 -10.25
N GLU A 97 -4.79 -26.13 -9.43
CA GLU A 97 -5.08 -27.58 -9.62
C GLU A 97 -5.92 -27.81 -10.88
N ILE A 98 -6.59 -26.77 -11.40
CA ILE A 98 -7.33 -26.86 -12.70
C ILE A 98 -6.37 -27.33 -13.79
N LEU A 99 -5.08 -27.07 -13.67
CA LEU A 99 -4.13 -27.51 -14.70
C LEU A 99 -4.21 -29.02 -14.93
N TYR A 100 -4.58 -29.82 -13.92
CA TYR A 100 -4.65 -31.31 -14.05
C TYR A 100 -5.86 -31.62 -14.94
N GLN A 101 -6.92 -30.84 -14.83
CA GLN A 101 -8.11 -30.96 -15.71
C GLN A 101 -7.70 -30.56 -17.14
N ALA A 102 -6.90 -29.50 -17.30
CA ALA A 102 -6.41 -29.03 -18.61
C ALA A 102 -5.64 -30.16 -19.32
N MET A 103 -4.76 -30.85 -18.59
CA MET A 103 -3.96 -31.98 -19.11
C MET A 103 -4.88 -33.04 -19.70
N ASP A 104 -5.89 -33.46 -18.95
CA ASP A 104 -6.88 -34.48 -19.43
C ASP A 104 -7.64 -33.93 -20.63
N ILE A 105 -7.97 -32.63 -20.62
CA ILE A 105 -8.81 -32.04 -21.69
C ILE A 105 -7.99 -32.07 -22.99
N ILE A 106 -6.74 -31.64 -22.92
CA ILE A 106 -5.83 -31.59 -24.11
C ILE A 106 -5.68 -33.03 -24.68
N ARG A 107 -5.58 -34.06 -23.82
CA ARG A 107 -5.43 -35.48 -24.25
C ARG A 107 -6.74 -35.96 -24.89
N LEU A 108 -7.88 -35.57 -24.34
CA LEU A 108 -9.21 -35.94 -24.88
C LEU A 108 -9.36 -35.37 -26.30
N ASN A 109 -8.75 -34.22 -26.58
CA ASN A 109 -8.88 -33.51 -27.89
C ASN A 109 -7.75 -33.92 -28.85
N LYS A 110 -6.81 -34.76 -28.41
CA LYS A 110 -5.70 -35.32 -29.23
C LYS A 110 -4.74 -34.21 -29.66
N LEU A 111 -4.47 -33.25 -28.78
CA LEU A 111 -3.67 -32.04 -29.11
C LEU A 111 -2.36 -32.05 -28.33
N GLU A 112 -2.01 -33.18 -27.71
CA GLU A 112 -0.85 -33.28 -26.76
C GLU A 112 0.48 -33.05 -27.50
N ASP A 113 0.53 -33.27 -28.82
CA ASP A 113 1.75 -33.09 -29.65
C ASP A 113 2.00 -31.60 -29.93
N THR A 114 0.98 -30.74 -29.86
CA THR A 114 1.12 -29.26 -30.03
C THR A 114 1.16 -28.54 -28.67
N ILE A 115 0.31 -28.94 -27.72
CA ILE A 115 0.08 -28.22 -26.43
C ILE A 115 0.78 -28.99 -25.30
N THR A 116 1.70 -28.31 -24.62
CA THR A 116 2.37 -28.76 -23.37
C THR A 116 1.82 -27.94 -22.19
N LEU A 117 1.29 -28.61 -21.15
CA LEU A 117 0.79 -27.96 -19.91
C LEU A 117 1.81 -28.10 -18.78
N ILE A 118 2.10 -26.99 -18.09
CA ILE A 118 3.10 -26.90 -16.98
C ILE A 118 2.42 -26.34 -15.72
N LYS A 119 2.55 -27.06 -14.60
CA LYS A 119 1.95 -26.77 -13.27
C LYS A 119 2.93 -25.89 -12.49
N GLY A 120 2.50 -24.69 -12.08
CA GLY A 120 3.35 -23.75 -11.33
C GLY A 120 3.03 -22.30 -11.63
N LYS A 121 3.69 -21.38 -10.93
CA LYS A 121 3.56 -19.93 -11.13
C LYS A 121 4.43 -19.55 -12.34
N ILE A 122 3.92 -18.69 -13.23
CA ILE A 122 4.68 -18.25 -14.43
C ILE A 122 6.00 -17.63 -13.97
N GLU A 123 6.04 -17.10 -12.74
CA GLU A 123 7.23 -16.43 -12.18
C GLU A 123 8.34 -17.44 -11.87
N GLU A 124 8.04 -18.72 -11.70
CA GLU A 124 9.08 -19.68 -11.22
C GLU A 124 9.15 -20.97 -12.02
N VAL A 125 8.17 -21.33 -12.86
CA VAL A 125 8.22 -22.60 -13.65
C VAL A 125 9.42 -22.55 -14.60
N HIS A 126 9.96 -23.72 -14.99
CA HIS A 126 11.00 -23.81 -16.06
C HIS A 126 10.30 -24.08 -17.40
N LEU A 127 10.49 -23.22 -18.39
CA LEU A 127 9.88 -23.39 -19.73
C LEU A 127 10.87 -24.13 -20.63
N PRO A 128 10.39 -25.07 -21.49
CA PRO A 128 11.26 -25.77 -22.43
C PRO A 128 11.69 -24.93 -23.64
N VAL A 129 11.42 -23.62 -23.62
CA VAL A 129 11.94 -22.66 -24.64
C VAL A 129 12.51 -21.44 -23.92
N GLU A 130 13.36 -20.67 -24.61
CA GLU A 130 13.95 -19.40 -24.11
C GLU A 130 12.95 -18.28 -24.37
N LYS A 131 12.30 -18.28 -25.55
CA LYS A 131 11.46 -17.17 -26.05
C LYS A 131 10.17 -17.72 -26.69
N VAL A 132 9.11 -16.92 -26.66
CA VAL A 132 7.82 -17.20 -27.36
C VAL A 132 7.47 -16.00 -28.25
N ASP A 133 6.71 -16.23 -29.30
CA ASP A 133 6.33 -15.19 -30.29
C ASP A 133 5.08 -14.46 -29.80
N VAL A 134 4.22 -15.16 -29.05
CA VAL A 134 2.89 -14.63 -28.64
C VAL A 134 2.61 -15.04 -27.19
N ILE A 135 2.19 -14.07 -26.39
CA ILE A 135 1.57 -14.32 -25.06
C ILE A 135 0.08 -13.95 -25.16
N ILE A 136 -0.76 -14.88 -24.72
CA ILE A 136 -2.23 -14.67 -24.60
C ILE A 136 -2.59 -15.01 -23.15
N SER A 137 -3.59 -14.33 -22.63
CA SER A 137 -4.01 -14.46 -21.21
C SER A 137 -5.40 -13.84 -21.06
N GLU A 138 -6.12 -14.29 -20.04
CA GLU A 138 -7.36 -13.66 -19.53
C GLU A 138 -7.11 -13.40 -18.04
N TRP A 139 -6.52 -12.24 -17.77
CA TRP A 139 -5.95 -11.85 -16.45
C TRP A 139 -6.88 -10.84 -15.76
N MET A 140 -7.94 -10.38 -16.42
CA MET A 140 -8.72 -9.18 -16.00
C MET A 140 -9.58 -9.54 -14.78
N GLY A 141 -9.53 -8.70 -13.74
CA GLY A 141 -10.43 -8.79 -12.57
C GLY A 141 -11.51 -7.75 -12.61
N TYR A 142 -12.38 -7.73 -11.61
CA TYR A 142 -13.35 -6.62 -11.40
C TYR A 142 -12.59 -5.31 -11.46
N PHE A 143 -13.16 -4.27 -12.11
CA PHE A 143 -12.51 -2.93 -12.26
C PHE A 143 -11.11 -3.11 -12.88
N LEU A 144 -10.98 -4.12 -13.74
CA LEU A 144 -9.80 -4.50 -14.56
C LEU A 144 -8.69 -5.09 -13.69
N LEU A 145 -8.24 -4.37 -12.65
CA LEU A 145 -6.92 -4.65 -12.00
C LEU A 145 -7.06 -5.47 -10.73
N PHE A 146 -8.28 -5.76 -10.28
CA PHE A 146 -8.52 -6.64 -9.10
C PHE A 146 -7.83 -7.99 -9.36
N GLU A 147 -7.15 -8.53 -8.34
CA GLU A 147 -6.35 -9.79 -8.34
C GLU A 147 -4.89 -9.56 -8.76
N SER A 148 -4.60 -8.43 -9.42
CA SER A 148 -3.23 -7.98 -9.82
C SER A 148 -2.54 -9.04 -10.69
N MET A 149 -3.27 -9.73 -11.57
CA MET A 149 -2.69 -10.82 -12.39
C MET A 149 -1.93 -10.23 -13.60
N LEU A 150 -2.20 -9.00 -14.00
CA LEU A 150 -1.42 -8.39 -15.10
C LEU A 150 0.07 -8.32 -14.72
N ASP A 151 0.40 -8.18 -13.44
CA ASP A 151 1.81 -8.13 -12.97
C ASP A 151 2.53 -9.41 -13.44
N SER A 152 1.86 -10.55 -13.35
CA SER A 152 2.36 -11.89 -13.76
C SER A 152 2.56 -11.95 -15.28
N VAL A 153 1.58 -11.44 -16.03
CA VAL A 153 1.65 -11.42 -17.52
C VAL A 153 2.85 -10.54 -17.92
N LEU A 154 3.05 -9.41 -17.23
CA LEU A 154 4.14 -8.47 -17.58
C LEU A 154 5.49 -9.12 -17.22
N TYR A 155 5.54 -9.89 -16.13
CA TYR A 155 6.72 -10.71 -15.79
C TYR A 155 7.05 -11.64 -16.98
N ALA A 156 6.05 -12.37 -17.46
CA ALA A 156 6.18 -13.34 -18.56
C ALA A 156 6.66 -12.62 -19.82
N LYS A 157 6.05 -11.48 -20.17
CA LYS A 157 6.46 -10.67 -21.34
C LYS A 157 7.93 -10.26 -21.22
N ASN A 158 8.35 -9.68 -20.09
CA ASN A 158 9.74 -9.17 -19.91
C ASN A 158 10.73 -10.35 -20.03
N LYS A 159 10.41 -11.51 -19.47
CA LYS A 159 11.34 -12.67 -19.46
C LYS A 159 11.33 -13.40 -20.81
N TYR A 160 10.17 -13.64 -21.42
CA TYR A 160 10.00 -14.68 -22.47
C TYR A 160 9.62 -14.10 -23.84
N LEU A 161 9.08 -12.89 -23.95
CA LEU A 161 8.58 -12.44 -25.27
C LEU A 161 9.77 -12.14 -26.20
N ALA A 162 9.83 -12.82 -27.33
CA ALA A 162 10.87 -12.61 -28.37
C ALA A 162 10.77 -11.17 -28.87
N LYS A 163 11.90 -10.60 -29.31
CA LYS A 163 11.98 -9.36 -30.11
C LYS A 163 10.89 -9.41 -31.19
N GLY A 164 10.05 -8.37 -31.29
CA GLY A 164 8.98 -8.29 -32.31
C GLY A 164 7.81 -9.21 -31.98
N GLY A 165 7.72 -9.71 -30.75
CA GLY A 165 6.59 -10.54 -30.30
C GLY A 165 5.40 -9.69 -29.89
N SER A 166 4.27 -10.33 -29.62
CA SER A 166 3.01 -9.63 -29.30
C SER A 166 2.33 -10.26 -28.06
N VAL A 167 1.67 -9.40 -27.28
CA VAL A 167 0.88 -9.80 -26.08
C VAL A 167 -0.58 -9.37 -26.30
N TYR A 168 -1.52 -10.29 -26.06
CA TYR A 168 -2.97 -10.08 -26.26
C TYR A 168 -3.76 -10.52 -25.02
N PRO A 169 -4.82 -9.78 -24.66
CA PRO A 169 -5.19 -8.54 -25.37
C PRO A 169 -4.15 -7.43 -25.13
N ASP A 170 -3.98 -6.51 -26.07
CA ASP A 170 -2.85 -5.54 -26.02
C ASP A 170 -3.26 -4.22 -25.39
N ILE A 171 -4.53 -3.80 -25.48
CA ILE A 171 -4.96 -2.46 -24.98
C ILE A 171 -6.21 -2.63 -24.11
N CYS A 172 -6.19 -1.93 -22.98
CA CYS A 172 -7.25 -1.92 -21.94
C CYS A 172 -7.48 -0.47 -21.53
N THR A 173 -8.74 -0.11 -21.28
CA THR A 173 -9.10 1.19 -20.69
C THR A 173 -9.98 0.94 -19.48
N ILE A 174 -9.90 1.87 -18.52
CA ILE A 174 -10.87 1.97 -17.40
C ILE A 174 -11.64 3.28 -17.55
N SER A 175 -12.95 3.27 -17.31
CA SER A 175 -13.84 4.45 -17.35
C SER A 175 -14.64 4.58 -16.06
N LEU A 176 -15.07 5.80 -15.74
CA LEU A 176 -16.03 6.09 -14.66
C LEU A 176 -17.26 6.73 -15.28
N VAL A 177 -18.40 6.56 -14.62
CA VAL A 177 -19.67 7.23 -15.03
C VAL A 177 -20.47 7.53 -13.76
N ALA A 178 -21.17 8.65 -13.73
CA ALA A 178 -22.00 9.02 -12.54
C ALA A 178 -23.34 8.27 -12.59
N VAL A 179 -23.89 8.01 -11.42
CA VAL A 179 -25.15 7.26 -11.20
C VAL A 179 -26.06 8.08 -10.29
N SER A 180 -27.36 8.09 -10.59
CA SER A 180 -28.42 8.51 -9.66
C SER A 180 -29.35 7.31 -9.40
N ASP A 181 -29.36 6.79 -8.18
CA ASP A 181 -30.26 5.67 -7.81
C ASP A 181 -30.49 5.76 -6.31
N VAL A 182 -31.40 6.64 -5.90
CA VAL A 182 -31.70 6.90 -4.45
C VAL A 182 -32.20 5.61 -3.82
N ASN A 183 -33.00 4.82 -4.53
CA ASN A 183 -33.63 3.60 -3.95
C ASN A 183 -32.54 2.57 -3.63
N LYS A 184 -31.63 2.31 -4.57
CA LYS A 184 -30.52 1.34 -4.36
C LYS A 184 -29.65 1.87 -3.21
N HIS A 185 -29.42 3.18 -3.15
CA HIS A 185 -28.59 3.78 -2.08
C HIS A 185 -29.27 3.51 -0.74
N ALA A 186 -30.57 3.79 -0.64
CA ALA A 186 -31.40 3.59 0.56
C ALA A 186 -31.38 2.10 0.97
N ASP A 187 -31.48 1.18 0.01
CA ASP A 187 -31.50 -0.28 0.29
C ASP A 187 -30.17 -0.72 0.92
N ARG A 188 -29.05 -0.09 0.57
CA ARG A 188 -27.72 -0.51 1.06
C ARG A 188 -27.34 0.26 2.33
N ILE A 189 -27.78 1.51 2.48
CA ILE A 189 -27.25 2.43 3.52
C ILE A 189 -28.33 2.76 4.55
N ALA A 190 -29.33 3.57 4.16
CA ALA A 190 -30.44 4.00 5.05
C ALA A 190 -31.12 2.78 5.70
N PHE A 191 -31.17 1.64 4.99
CA PHE A 191 -31.70 0.34 5.50
C PHE A 191 -31.35 0.14 6.99
N TRP A 192 -30.09 0.43 7.36
CA TRP A 192 -29.51 0.15 8.70
C TRP A 192 -29.99 1.12 9.80
N ASP A 193 -30.70 2.19 9.44
CA ASP A 193 -31.25 3.20 10.40
C ASP A 193 -32.45 2.62 11.17
N ASP A 194 -33.30 1.83 10.51
CA ASP A 194 -34.54 1.26 11.11
C ASP A 194 -34.73 -0.17 10.59
N VAL A 195 -34.30 -1.16 11.37
CA VAL A 195 -34.44 -2.62 11.11
C VAL A 195 -35.48 -3.15 12.10
N TYR A 196 -36.73 -3.28 11.65
CA TYR A 196 -37.87 -3.74 12.49
C TYR A 196 -37.93 -2.91 13.77
N GLY A 197 -37.72 -1.59 13.68
CA GLY A 197 -37.84 -0.64 14.80
C GLY A 197 -36.53 -0.39 15.52
N PHE A 198 -35.50 -1.22 15.34
CA PHE A 198 -34.21 -1.06 16.04
C PHE A 198 -33.23 -0.28 15.15
N LYS A 199 -32.40 0.53 15.78
CA LYS A 199 -31.30 1.32 15.17
C LYS A 199 -30.11 0.39 14.92
N MET A 200 -29.62 0.34 13.69
CA MET A 200 -28.36 -0.41 13.38
C MET A 200 -27.43 0.49 12.54
N SER A 201 -27.49 1.81 12.79
CA SER A 201 -26.78 2.88 12.04
C SER A 201 -25.25 2.66 12.03
N CYS A 202 -24.69 2.06 13.09
CA CYS A 202 -23.22 1.80 13.20
C CYS A 202 -22.72 0.80 12.15
N MET A 203 -23.62 0.07 11.47
CA MET A 203 -23.26 -0.88 10.37
C MET A 203 -22.87 -0.11 9.09
N LYS A 204 -23.36 1.12 8.88
CA LYS A 204 -23.14 1.95 7.67
C LYS A 204 -21.64 2.13 7.39
N LYS A 205 -20.84 2.15 8.46
CA LYS A 205 -19.37 2.38 8.49
C LYS A 205 -18.64 1.23 7.79
N ALA A 206 -19.18 0.02 7.87
CA ALA A 206 -18.59 -1.19 7.22
C ALA A 206 -19.03 -1.25 5.75
N VAL A 207 -20.19 -0.68 5.43
CA VAL A 207 -20.84 -0.81 4.09
C VAL A 207 -20.21 0.18 3.09
N ILE A 208 -20.14 1.47 3.44
CA ILE A 208 -19.74 2.55 2.48
C ILE A 208 -18.40 2.21 1.82
N PRO A 209 -17.35 1.78 2.57
CA PRO A 209 -16.04 1.55 1.96
C PRO A 209 -15.91 0.30 1.10
N GLU A 210 -16.94 -0.54 1.01
CA GLU A 210 -16.86 -1.79 0.19
C GLU A 210 -17.46 -1.50 -1.18
N ALA A 211 -16.63 -1.56 -2.22
CA ALA A 211 -17.07 -1.42 -3.62
C ALA A 211 -18.02 -2.58 -3.91
N VAL A 212 -19.08 -2.33 -4.65
CA VAL A 212 -20.14 -3.33 -4.96
C VAL A 212 -19.94 -3.76 -6.42
N VAL A 213 -19.91 -5.07 -6.67
CA VAL A 213 -19.87 -5.62 -8.05
C VAL A 213 -21.29 -6.06 -8.43
N GLU A 214 -21.93 -5.34 -9.34
CA GLU A 214 -23.35 -5.56 -9.70
C GLU A 214 -23.57 -5.04 -11.11
N VAL A 215 -24.62 -5.55 -11.75
CA VAL A 215 -25.10 -5.06 -13.07
C VAL A 215 -25.91 -3.82 -12.80
N LEU A 216 -25.50 -2.72 -13.43
CA LEU A 216 -26.06 -1.38 -13.26
C LEU A 216 -27.16 -1.17 -14.31
N ASP A 217 -28.36 -0.78 -13.90
CA ASP A 217 -29.43 -0.35 -14.84
C ASP A 217 -28.93 0.89 -15.58
N PRO A 218 -28.80 0.85 -16.92
CA PRO A 218 -28.31 1.98 -17.70
C PRO A 218 -29.22 3.23 -17.66
N LYS A 219 -30.48 3.07 -17.25
CA LYS A 219 -31.42 4.20 -17.05
C LYS A 219 -30.96 5.06 -15.86
N THR A 220 -30.07 4.57 -14.99
CA THR A 220 -29.61 5.31 -13.78
C THR A 220 -28.30 6.07 -14.04
N LEU A 221 -27.78 6.04 -15.27
CA LEU A 221 -26.56 6.82 -15.64
C LEU A 221 -26.93 8.29 -15.85
N ILE A 222 -26.14 9.21 -15.31
CA ILE A 222 -26.44 10.66 -15.29
C ILE A 222 -25.23 11.47 -15.78
N SER A 223 -24.25 10.83 -16.40
CA SER A 223 -23.09 11.49 -17.01
C SER A 223 -22.69 10.72 -18.27
N GLU A 224 -21.93 11.37 -19.12
CA GLU A 224 -21.09 10.70 -20.13
C GLU A 224 -19.99 9.97 -19.37
N PRO A 225 -19.48 8.84 -19.91
CA PRO A 225 -18.33 8.19 -19.30
C PRO A 225 -17.05 9.05 -19.45
N CYS A 226 -16.12 8.92 -18.51
CA CYS A 226 -14.77 9.51 -18.56
C CYS A 226 -13.69 8.43 -18.44
N GLY A 227 -12.81 8.31 -19.44
CA GLY A 227 -11.64 7.39 -19.37
C GLY A 227 -10.68 7.86 -18.30
N ILE A 228 -10.22 6.97 -17.42
CA ILE A 228 -9.28 7.36 -16.33
C ILE A 228 -7.95 6.62 -16.46
N LYS A 229 -7.82 5.69 -17.41
CA LYS A 229 -6.60 4.85 -17.56
C LYS A 229 -6.61 4.21 -18.95
N HIS A 230 -5.49 4.34 -19.64
CA HIS A 230 -5.13 3.62 -20.89
C HIS A 230 -3.87 2.80 -20.64
N ILE A 231 -3.93 1.49 -20.87
CA ILE A 231 -2.80 0.53 -20.72
C ILE A 231 -2.53 -0.09 -22.10
N ASP A 232 -1.29 -0.03 -22.58
CA ASP A 232 -0.80 -0.91 -23.67
C ASP A 232 0.18 -1.92 -23.07
N CYS A 233 -0.13 -3.20 -23.13
CA CYS A 233 0.62 -4.27 -22.43
C CYS A 233 2.04 -4.40 -22.99
N HIS A 234 2.31 -3.81 -24.16
CA HIS A 234 3.64 -3.81 -24.81
C HIS A 234 4.56 -2.80 -24.11
N THR A 235 4.03 -1.68 -23.64
CA THR A 235 4.84 -0.52 -23.16
C THR A 235 4.59 -0.22 -21.67
N THR A 236 3.48 -0.68 -21.07
CA THR A 236 3.17 -0.42 -19.64
C THR A 236 4.24 -1.08 -18.78
N SER A 237 4.64 -0.43 -17.68
CA SER A 237 5.46 -1.05 -16.61
C SER A 237 4.51 -1.52 -15.52
N ILE A 238 5.00 -2.37 -14.62
CA ILE A 238 4.28 -2.79 -13.38
C ILE A 238 3.88 -1.55 -12.58
N SER A 239 4.80 -0.60 -12.42
CA SER A 239 4.63 0.61 -11.57
C SER A 239 3.47 1.48 -12.10
N ASP A 240 3.18 1.43 -13.39
CA ASP A 240 2.08 2.19 -14.05
C ASP A 240 0.69 1.71 -13.59
N LEU A 241 0.60 0.53 -12.95
CA LEU A 241 -0.70 -0.14 -12.63
C LEU A 241 -1.26 0.39 -11.31
N GLU A 242 -0.46 1.16 -10.57
CA GLU A 242 -0.92 2.08 -9.51
C GLU A 242 -0.88 3.48 -10.09
N PHE A 243 -2.01 4.17 -10.13
CA PHE A 243 -2.15 5.44 -10.89
C PHE A 243 -3.17 6.37 -10.23
N SER A 244 -3.07 7.65 -10.59
CA SER A 244 -4.03 8.71 -10.26
C SER A 244 -4.56 9.27 -11.56
N SER A 245 -5.79 9.73 -11.56
CA SER A 245 -6.38 10.49 -12.68
C SER A 245 -7.27 11.61 -12.16
N ASP A 246 -7.15 12.80 -12.75
CA ASP A 246 -8.12 13.92 -12.58
C ASP A 246 -9.18 13.75 -13.66
N PHE A 247 -10.45 13.61 -13.29
CA PHE A 247 -11.51 13.30 -14.28
C PHE A 247 -12.54 14.41 -14.25
N THR A 248 -13.26 14.53 -15.37
CA THR A 248 -14.44 15.40 -15.55
C THR A 248 -15.59 14.54 -16.07
N LEU A 249 -16.71 14.55 -15.33
CA LEU A 249 -17.95 13.87 -15.77
C LEU A 249 -18.91 14.95 -16.27
N LYS A 250 -19.29 14.83 -17.54
CA LYS A 250 -20.28 15.72 -18.20
C LYS A 250 -21.67 15.22 -17.79
N ILE A 251 -22.29 15.90 -16.82
N ILE A 251 -22.29 15.91 -16.83
CA ILE A 251 -23.64 15.56 -16.29
CA ILE A 251 -23.64 15.58 -16.28
C ILE A 251 -24.67 15.80 -17.39
C ILE A 251 -24.69 15.82 -17.36
N THR A 252 -25.51 14.79 -17.64
CA THR A 252 -26.55 14.78 -18.70
C THR A 252 -27.95 14.80 -18.08
N ARG A 253 -28.08 14.64 -16.76
CA ARG A 253 -29.40 14.64 -16.08
C ARG A 253 -29.28 15.33 -14.73
N THR A 254 -30.10 16.36 -14.53
CA THR A 254 -30.29 17.02 -13.22
C THR A 254 -30.86 15.95 -12.30
N SER A 255 -30.20 15.69 -11.17
CA SER A 255 -30.49 14.55 -10.27
C SER A 255 -29.60 14.59 -9.03
N MET A 256 -29.89 13.69 -8.10
CA MET A 256 -29.03 13.39 -6.94
C MET A 256 -28.01 12.31 -7.35
N CYS A 257 -26.73 12.67 -7.38
CA CYS A 257 -25.61 11.71 -7.64
C CYS A 257 -25.41 10.86 -6.38
N THR A 258 -25.60 9.54 -6.48
CA THR A 258 -25.56 8.59 -5.33
C THR A 258 -24.34 7.66 -5.42
N ALA A 259 -23.71 7.54 -6.57
CA ALA A 259 -22.59 6.60 -6.78
C ALA A 259 -21.81 7.00 -8.02
N ILE A 260 -20.57 6.50 -8.09
CA ILE A 260 -19.72 6.45 -9.31
C ILE A 260 -19.51 4.97 -9.64
N ALA A 261 -19.69 4.59 -10.90
CA ALA A 261 -19.48 3.21 -11.38
C ALA A 261 -18.21 3.21 -12.23
N GLY A 262 -17.48 2.10 -12.18
CA GLY A 262 -16.29 1.87 -12.99
C GLY A 262 -16.49 0.63 -13.84
N TYR A 263 -15.86 0.63 -15.01
CA TYR A 263 -15.85 -0.52 -15.94
C TYR A 263 -14.61 -0.41 -16.81
N PHE A 264 -14.44 -1.37 -17.70
CA PHE A 264 -13.21 -1.43 -18.52
C PHE A 264 -13.56 -1.96 -19.91
N ASP A 265 -12.72 -1.59 -20.88
CA ASP A 265 -12.82 -2.00 -22.29
C ASP A 265 -11.54 -2.78 -22.63
N ILE A 266 -11.69 -3.83 -23.44
CA ILE A 266 -10.60 -4.75 -23.85
C ILE A 266 -10.49 -4.71 -25.38
N TYR A 267 -9.30 -4.46 -25.90
CA TYR A 267 -9.01 -4.36 -27.34
C TYR A 267 -7.97 -5.42 -27.76
N PHE A 268 -8.22 -6.06 -28.89
CA PHE A 268 -7.21 -6.83 -29.66
C PHE A 268 -6.90 -6.01 -30.91
N GLU A 269 -5.69 -5.48 -31.02
CA GLU A 269 -5.37 -4.49 -32.08
C GLU A 269 -4.09 -4.84 -32.84
N LYS A 270 -2.97 -5.00 -32.16
CA LYS A 270 -1.66 -5.04 -32.85
C LYS A 270 -1.69 -6.15 -33.91
N ASN A 271 -1.39 -5.80 -35.17
CA ASN A 271 -1.18 -6.72 -36.32
C ASN A 271 -2.48 -7.43 -36.68
N CYS A 272 -3.62 -6.94 -36.20
CA CYS A 272 -4.94 -7.53 -36.51
C CYS A 272 -5.43 -6.98 -37.85
N HIS A 273 -5.83 -7.88 -38.75
CA HIS A 273 -6.71 -7.58 -39.89
C HIS A 273 -8.16 -7.48 -39.40
N ASN A 274 -8.53 -8.27 -38.38
CA ASN A 274 -9.87 -8.27 -37.75
C ASN A 274 -9.75 -7.85 -36.28
N ARG A 275 -9.80 -6.56 -36.01
CA ARG A 275 -9.69 -6.00 -34.64
C ARG A 275 -10.88 -6.49 -33.83
N VAL A 276 -10.69 -6.72 -32.54
CA VAL A 276 -11.81 -7.17 -31.66
C VAL A 276 -11.83 -6.26 -30.43
N VAL A 277 -13.01 -5.82 -30.02
CA VAL A 277 -13.18 -5.05 -28.76
C VAL A 277 -14.36 -5.62 -28.00
N PHE A 278 -14.30 -5.62 -26.66
CA PHE A 278 -15.55 -5.68 -25.85
C PHE A 278 -15.45 -4.71 -24.69
N SER A 279 -16.61 -4.26 -24.23
CA SER A 279 -16.79 -3.35 -23.09
C SER A 279 -17.51 -4.12 -21.98
N THR A 280 -17.19 -3.81 -20.71
CA THR A 280 -17.88 -4.35 -19.52
C THR A 280 -18.78 -3.26 -18.94
N GLY A 281 -18.99 -2.20 -19.70
CA GLY A 281 -19.82 -1.05 -19.35
C GLY A 281 -21.30 -1.38 -19.28
N PRO A 282 -22.06 -0.55 -18.54
CA PRO A 282 -23.50 -0.78 -18.33
C PRO A 282 -24.36 -0.58 -19.59
N GLN A 283 -23.87 0.11 -20.63
CA GLN A 283 -24.61 0.27 -21.92
C GLN A 283 -24.38 -0.95 -22.82
N SER A 284 -23.54 -1.91 -22.40
CA SER A 284 -23.15 -3.08 -23.20
C SER A 284 -23.72 -4.36 -22.56
N THR A 285 -23.85 -5.42 -23.35
CA THR A 285 -24.29 -6.74 -22.84
C THR A 285 -23.48 -7.09 -21.59
N LYS A 286 -24.15 -7.59 -20.56
CA LYS A 286 -23.56 -7.97 -19.26
C LYS A 286 -22.53 -9.07 -19.48
N THR A 287 -21.44 -8.96 -18.71
CA THR A 287 -20.34 -9.95 -18.61
C THR A 287 -20.32 -10.39 -17.15
N HIS A 288 -19.53 -11.40 -16.83
CA HIS A 288 -19.33 -11.89 -15.44
C HIS A 288 -18.58 -10.83 -14.61
N TRP A 289 -17.94 -9.82 -15.22
CA TRP A 289 -17.24 -8.74 -14.49
C TRP A 289 -18.23 -7.68 -13.99
N LYS A 290 -19.44 -7.67 -14.55
CA LYS A 290 -20.52 -6.70 -14.23
C LYS A 290 -19.93 -5.28 -14.29
N GLN A 291 -20.26 -4.45 -13.30
CA GLN A 291 -19.67 -3.10 -13.10
C GLN A 291 -19.32 -3.00 -11.63
N THR A 292 -18.34 -2.14 -11.30
CA THR A 292 -17.89 -1.86 -9.94
C THR A 292 -18.51 -0.54 -9.53
N VAL A 293 -19.23 -0.50 -8.41
CA VAL A 293 -20.01 0.68 -7.95
C VAL A 293 -19.43 1.15 -6.62
N PHE A 294 -19.09 2.44 -6.55
CA PHE A 294 -18.63 3.16 -5.33
C PHE A 294 -19.78 4.05 -4.85
N LEU A 295 -20.48 3.63 -3.79
CA LEU A 295 -21.61 4.39 -3.21
C LEU A 295 -21.05 5.62 -2.51
N LEU A 296 -21.69 6.77 -2.70
CA LEU A 296 -21.26 8.03 -2.01
C LEU A 296 -21.86 8.04 -0.62
N GLU A 297 -21.03 8.30 0.39
CA GLU A 297 -21.51 8.53 1.77
C GLU A 297 -22.54 9.68 1.77
N LYS A 298 -22.25 10.79 1.08
CA LYS A 298 -23.20 11.95 1.00
C LYS A 298 -23.56 12.18 -0.46
N PRO A 299 -24.68 11.60 -0.95
CA PRO A 299 -25.19 11.94 -2.27
C PRO A 299 -25.32 13.46 -2.37
N PHE A 300 -25.19 14.02 -3.56
CA PHE A 300 -25.24 15.49 -3.79
C PHE A 300 -25.90 15.76 -5.16
N SER A 301 -26.54 16.93 -5.27
CA SER A 301 -27.25 17.37 -6.50
C SER A 301 -26.24 17.82 -7.57
N VAL A 302 -26.52 17.41 -8.80
CA VAL A 302 -25.80 17.81 -10.04
C VAL A 302 -26.85 18.33 -11.01
N LYS A 303 -26.41 19.09 -12.02
CA LYS A 303 -27.31 19.67 -13.04
C LYS A 303 -26.79 19.26 -14.41
N ALA A 304 -27.70 18.92 -15.34
CA ALA A 304 -27.42 18.70 -16.77
C ALA A 304 -26.54 19.86 -17.24
N GLY A 305 -25.44 19.52 -17.94
CA GLY A 305 -24.48 20.48 -18.51
C GLY A 305 -23.30 20.71 -17.60
N GLU A 306 -23.43 20.38 -16.31
CA GLU A 306 -22.36 20.59 -15.29
C GLU A 306 -21.14 19.74 -15.64
N ALA A 307 -19.94 20.30 -15.46
CA ALA A 307 -18.65 19.59 -15.59
C ALA A 307 -18.20 19.19 -14.18
N LEU A 308 -18.45 17.96 -13.77
CA LEU A 308 -18.15 17.48 -12.39
C LEU A 308 -16.71 16.98 -12.37
N LYS A 309 -15.85 17.69 -11.65
CA LYS A 309 -14.40 17.38 -11.52
C LYS A 309 -14.20 16.52 -10.27
N GLY A 310 -13.32 15.53 -10.35
CA GLY A 310 -12.96 14.67 -9.23
C GLY A 310 -11.56 14.11 -9.44
N LYS A 311 -11.07 13.36 -8.47
CA LYS A 311 -9.75 12.70 -8.59
C LYS A 311 -9.94 11.26 -8.12
N VAL A 312 -9.32 10.32 -8.80
CA VAL A 312 -9.36 8.88 -8.43
C VAL A 312 -7.93 8.37 -8.44
N THR A 313 -7.56 7.65 -7.38
CA THR A 313 -6.27 6.92 -7.31
C THR A 313 -6.54 5.45 -7.03
N VAL A 314 -5.89 4.59 -7.79
CA VAL A 314 -5.95 3.12 -7.62
C VAL A 314 -4.58 2.62 -7.14
N HIS A 315 -4.55 1.97 -5.98
CA HIS A 315 -3.35 1.37 -5.35
C HIS A 315 -3.63 -0.11 -5.10
N LYS A 316 -2.57 -0.91 -5.03
CA LYS A 316 -2.62 -2.26 -4.44
C LYS A 316 -2.82 -2.08 -2.92
N ASN A 317 -3.66 -2.91 -2.33
CA ASN A 317 -3.86 -2.97 -0.85
C ASN A 317 -2.50 -3.38 -0.24
N LYS A 318 -1.98 -2.57 0.67
CA LYS A 318 -0.68 -2.78 1.37
C LYS A 318 -0.68 -4.18 2.02
N LYS A 319 -1.80 -4.57 2.64
CA LYS A 319 -1.99 -5.85 3.39
C LYS A 319 -2.02 -7.05 2.42
N ASP A 320 -2.82 -6.99 1.36
CA ASP A 320 -2.93 -8.03 0.30
C ASP A 320 -2.84 -7.37 -1.08
N PRO A 321 -1.70 -7.50 -1.80
CA PRO A 321 -1.53 -6.78 -3.06
C PRO A 321 -2.42 -7.25 -4.22
N ARG A 322 -3.18 -8.34 -4.04
CA ARG A 322 -4.26 -8.79 -4.97
C ARG A 322 -5.56 -7.99 -4.74
N SER A 323 -5.71 -7.35 -3.58
CA SER A 323 -6.86 -6.47 -3.24
C SER A 323 -6.53 -5.05 -3.69
N LEU A 324 -7.55 -4.28 -4.10
CA LEU A 324 -7.37 -2.88 -4.56
C LEU A 324 -7.92 -1.92 -3.52
N THR A 325 -7.33 -0.73 -3.52
CA THR A 325 -7.79 0.47 -2.80
C THR A 325 -8.10 1.52 -3.88
N VAL A 326 -9.29 2.11 -3.82
CA VAL A 326 -9.70 3.18 -4.78
C VAL A 326 -10.03 4.41 -3.95
N THR A 327 -9.25 5.46 -4.11
CA THR A 327 -9.44 6.74 -3.37
C THR A 327 -10.14 7.69 -4.33
N LEU A 328 -11.32 8.15 -3.93
CA LEU A 328 -12.19 9.01 -4.76
C LEU A 328 -12.38 10.36 -4.06
N THR A 329 -12.02 11.44 -4.73
CA THR A 329 -12.35 12.81 -4.29
C THR A 329 -13.38 13.42 -5.25
N LEU A 330 -14.48 13.89 -4.71
CA LEU A 330 -15.62 14.41 -5.49
C LEU A 330 -16.42 15.28 -4.54
N ASN A 331 -16.90 16.44 -5.00
CA ASN A 331 -17.80 17.32 -4.20
C ASN A 331 -17.12 17.69 -2.88
N ASN A 332 -15.80 17.90 -2.91
CA ASN A 332 -14.95 18.32 -1.75
C ASN A 332 -15.03 17.33 -0.59
N SER A 333 -15.14 16.03 -0.90
N SER A 333 -15.15 16.02 -0.87
CA SER A 333 -15.13 14.93 0.09
CA SER A 333 -15.08 14.96 0.15
C SER A 333 -14.36 13.74 -0.48
C SER A 333 -14.41 13.72 -0.46
N THR A 334 -13.70 12.97 0.38
CA THR A 334 -12.79 11.89 -0.04
C THR A 334 -13.20 10.62 0.71
N GLN A 335 -13.37 9.53 -0.02
CA GLN A 335 -13.60 8.20 0.55
C GLN A 335 -12.68 7.20 -0.14
N THR A 336 -12.09 6.29 0.62
CA THR A 336 -11.32 5.14 0.08
C THR A 336 -12.23 3.91 0.08
N TYR A 337 -12.28 3.21 -1.04
CA TYR A 337 -13.08 1.98 -1.23
C TYR A 337 -12.13 0.80 -1.40
N GLY A 338 -12.59 -0.39 -1.00
CA GLY A 338 -11.85 -1.65 -1.16
C GLY A 338 -12.59 -2.60 -2.09
N LEU A 339 -11.86 -3.26 -2.99
CA LEU A 339 -12.30 -4.50 -3.68
C LEU A 339 -11.57 -5.65 -3.00
N GLN A 340 -12.37 -6.62 -2.52
CA GLN A 340 -12.10 -7.67 -1.50
C GLN A 340 -10.71 -7.46 -0.89
N PHE B 30 10.54 18.01 28.43
CA PHE B 30 11.84 18.22 27.74
C PHE B 30 12.26 19.68 27.91
N SER B 31 13.25 19.92 28.78
CA SER B 31 14.17 21.08 28.71
C SER B 31 15.12 20.87 27.51
N SER B 32 15.26 19.61 27.06
CA SER B 32 15.98 19.18 25.83
C SER B 32 15.48 19.95 24.60
N TYR B 33 14.15 19.97 24.39
CA TYR B 33 13.47 20.51 23.18
C TYR B 33 13.28 22.02 23.25
N GLY B 34 13.94 22.69 24.20
CA GLY B 34 13.98 24.17 24.32
C GLY B 34 15.07 24.78 23.46
N HIS B 35 16.18 24.07 23.22
CA HIS B 35 17.41 24.60 22.55
C HIS B 35 17.27 24.48 21.02
N TYR B 36 17.81 25.45 20.28
CA TYR B 36 17.69 25.56 18.81
C TYR B 36 18.24 24.29 18.15
N GLY B 37 19.24 23.66 18.77
CA GLY B 37 20.09 22.61 18.19
C GLY B 37 19.29 21.46 17.60
N ILE B 38 18.43 20.84 18.41
CA ILE B 38 17.61 19.67 18.01
C ILE B 38 16.64 20.10 16.90
N HIS B 39 16.11 21.34 16.97
CA HIS B 39 15.17 21.89 15.95
C HIS B 39 15.92 22.10 14.63
N GLU B 40 17.10 22.69 14.69
CA GLU B 40 17.97 22.88 13.49
C GLU B 40 18.27 21.52 12.87
N GLU B 41 18.60 20.53 13.70
CA GLU B 41 19.03 19.18 13.25
C GLU B 41 17.84 18.50 12.55
N MET B 42 16.67 18.51 13.18
CA MET B 42 15.46 17.89 12.62
C MET B 42 15.09 18.58 11.30
N LEU B 43 15.16 19.91 11.21
CA LEU B 43 14.74 20.66 9.99
C LEU B 43 15.69 20.37 8.84
N LYS B 44 16.99 20.18 9.13
CA LYS B 44 18.03 19.88 8.11
C LYS B 44 18.02 18.40 7.74
N ASP B 45 17.22 17.57 8.41
CA ASP B 45 16.98 16.15 8.00
C ASP B 45 16.05 16.20 6.78
N LYS B 46 16.61 16.14 5.57
CA LYS B 46 15.87 16.35 4.30
C LYS B 46 14.84 15.22 4.13
N ILE B 47 15.18 13.98 4.47
CA ILE B 47 14.25 12.84 4.28
C ILE B 47 13.01 13.13 5.14
N ARG B 48 13.23 13.55 6.37
CA ARG B 48 12.11 13.80 7.31
C ARG B 48 11.28 15.01 6.84
N THR B 49 11.91 16.15 6.59
CA THR B 49 11.22 17.42 6.33
C THR B 49 10.53 17.38 4.96
N GLU B 50 11.19 16.82 3.95
CA GLU B 50 10.63 16.76 2.58
C GLU B 50 9.49 15.74 2.52
N SER B 51 9.55 14.64 3.28
CA SER B 51 8.45 13.64 3.34
C SER B 51 7.17 14.31 3.86
N TYR B 52 7.23 15.04 4.97
CA TYR B 52 6.05 15.77 5.52
C TYR B 52 5.59 16.87 4.55
N ARG B 53 6.54 17.63 4.00
CA ARG B 53 6.22 18.71 3.03
C ARG B 53 5.48 18.08 1.85
N ASP B 54 6.03 17.02 1.25
CA ASP B 54 5.40 16.32 0.10
C ASP B 54 4.01 15.79 0.48
N PHE B 55 3.86 15.16 1.63
CA PHE B 55 2.54 14.63 2.04
C PHE B 55 1.49 15.73 2.00
N ILE B 56 1.79 16.86 2.63
CA ILE B 56 0.80 17.96 2.83
C ILE B 56 0.53 18.66 1.49
N TYR B 57 1.57 19.09 0.76
CA TYR B 57 1.42 19.84 -0.51
C TYR B 57 0.84 18.95 -1.62
N GLN B 58 1.09 17.64 -1.64
CA GLN B 58 0.57 16.75 -2.72
C GLN B 58 -0.77 16.11 -2.35
N ASN B 59 -1.31 16.40 -1.16
CA ASN B 59 -2.64 15.90 -0.73
C ASN B 59 -3.41 17.04 -0.07
N PRO B 60 -3.57 18.20 -0.75
CA PRO B 60 -4.21 19.37 -0.11
C PRO B 60 -5.69 19.13 0.25
N HIS B 61 -6.34 18.14 -0.38
CA HIS B 61 -7.75 17.76 -0.10
C HIS B 61 -7.87 17.29 1.35
N ILE B 62 -6.80 16.78 1.94
CA ILE B 62 -6.79 16.33 3.37
C ILE B 62 -6.91 17.58 4.28
N PHE B 63 -6.45 18.74 3.83
CA PHE B 63 -6.32 19.96 4.68
C PHE B 63 -7.35 21.04 4.33
N LYS B 64 -7.84 21.04 3.09
CA LYS B 64 -8.67 22.14 2.53
C LYS B 64 -9.86 22.39 3.46
N ASP B 65 -9.96 23.60 4.04
CA ASP B 65 -11.11 24.02 4.88
C ASP B 65 -11.24 23.12 6.11
N LYS B 66 -10.18 22.45 6.56
CA LYS B 66 -10.24 21.58 7.77
C LYS B 66 -9.65 22.29 8.99
N VAL B 67 -9.93 21.76 10.17
CA VAL B 67 -9.32 22.20 11.45
C VAL B 67 -8.22 21.19 11.79
N VAL B 68 -6.99 21.68 11.89
CA VAL B 68 -5.77 20.82 12.00
C VAL B 68 -5.16 21.07 13.37
N LEU B 69 -4.79 19.98 14.05
CA LEU B 69 -4.04 20.02 15.33
C LEU B 69 -2.63 19.50 15.07
N ASP B 70 -1.64 20.36 15.30
CA ASP B 70 -0.20 20.05 15.20
C ASP B 70 0.30 19.79 16.63
N VAL B 71 0.38 18.51 17.02
CA VAL B 71 0.85 18.09 18.38
C VAL B 71 2.38 18.12 18.42
N GLY B 72 2.96 19.02 19.23
CA GLY B 72 4.42 19.17 19.36
C GLY B 72 5.00 19.94 18.19
N CYS B 73 4.48 21.13 17.94
CA CYS B 73 4.64 21.90 16.68
C CYS B 73 6.06 22.40 16.52
N GLY B 74 6.86 22.45 17.59
CA GLY B 74 8.25 22.94 17.49
C GLY B 74 8.27 24.36 16.94
N THR B 75 9.05 24.61 15.89
CA THR B 75 9.20 25.92 15.23
C THR B 75 7.92 26.29 14.46
N GLY B 76 6.98 25.34 14.29
CA GLY B 76 5.64 25.58 13.72
C GLY B 76 5.55 25.36 12.22
N ILE B 77 6.57 24.82 11.56
CA ILE B 77 6.58 24.74 10.08
C ILE B 77 5.48 23.78 9.57
N LEU B 78 5.11 22.73 10.29
CA LEU B 78 4.00 21.83 9.83
C LEU B 78 2.71 22.64 9.77
N SER B 79 2.51 23.50 10.77
CA SER B 79 1.29 24.36 10.89
C SER B 79 1.21 25.28 9.67
N MET B 80 2.34 25.79 9.22
CA MET B 80 2.44 26.71 8.07
C MET B 80 2.20 25.93 6.77
N PHE B 81 2.78 24.73 6.64
CA PHE B 81 2.49 23.84 5.49
C PHE B 81 0.97 23.64 5.39
N ALA B 82 0.32 23.29 6.51
CA ALA B 82 -1.13 23.00 6.55
C ALA B 82 -1.92 24.25 6.17
N ALA B 83 -1.52 25.43 6.65
CA ALA B 83 -2.15 26.72 6.32
C ALA B 83 -2.10 26.93 4.81
N LYS B 84 -0.91 26.79 4.21
CA LYS B 84 -0.71 26.93 2.74
C LYS B 84 -1.54 25.89 1.99
N ALA B 85 -1.78 24.70 2.55
CA ALA B 85 -2.59 23.66 1.89
C ALA B 85 -4.09 23.96 2.08
N GLY B 86 -4.45 25.00 2.82
CA GLY B 86 -5.83 25.54 2.84
C GLY B 86 -6.59 25.23 4.13
N ALA B 87 -5.91 24.81 5.18
CA ALA B 87 -6.54 24.60 6.51
C ALA B 87 -7.38 25.85 6.85
N LYS B 88 -8.59 25.63 7.33
CA LYS B 88 -9.50 26.69 7.84
C LYS B 88 -8.87 27.25 9.11
N LYS B 89 -8.51 26.38 10.07
CA LYS B 89 -7.80 26.73 11.34
C LYS B 89 -6.69 25.71 11.58
N VAL B 90 -5.53 26.17 12.04
CA VAL B 90 -4.44 25.30 12.60
C VAL B 90 -4.20 25.66 14.06
N LEU B 91 -4.18 24.65 14.92
CA LEU B 91 -3.77 24.77 16.35
C LEU B 91 -2.45 24.04 16.52
N GLY B 92 -1.40 24.80 16.80
CA GLY B 92 -0.06 24.25 17.10
C GLY B 92 0.18 24.26 18.59
N VAL B 93 0.46 23.10 19.19
CA VAL B 93 0.71 22.98 20.65
C VAL B 93 2.14 22.48 20.90
N ASP B 94 2.85 23.05 21.88
CA ASP B 94 4.18 22.55 22.33
C ASP B 94 4.43 22.97 23.78
N GLN B 95 4.83 22.00 24.63
CA GLN B 95 5.17 22.17 26.07
C GLN B 95 6.42 23.04 26.19
N SER B 96 7.29 23.02 25.18
CA SER B 96 8.64 23.62 25.21
C SER B 96 8.58 25.13 24.96
N GLU B 97 9.64 25.82 25.36
CA GLU B 97 9.87 27.28 25.19
C GLU B 97 10.04 27.64 23.70
N ILE B 98 10.30 26.65 22.82
CA ILE B 98 10.42 26.85 21.35
C ILE B 98 9.10 27.45 20.82
N LEU B 99 7.98 27.21 21.50
CA LEU B 99 6.65 27.70 21.06
C LEU B 99 6.68 29.22 20.89
N TYR B 100 7.46 29.94 21.70
CA TYR B 100 7.50 31.42 21.64
C TYR B 100 8.14 31.80 20.31
N GLN B 101 9.17 31.05 19.87
CA GLN B 101 9.82 31.27 18.57
C GLN B 101 8.79 30.97 17.47
N ALA B 102 7.99 29.92 17.64
CA ALA B 102 6.92 29.54 16.69
C ALA B 102 5.98 30.74 16.49
N MET B 103 5.56 31.36 17.60
CA MET B 103 4.68 32.56 17.58
C MET B 103 5.29 33.64 16.68
N ASP B 104 6.59 33.90 16.80
CA ASP B 104 7.26 34.97 16.04
C ASP B 104 7.40 34.55 14.57
N ILE B 105 7.64 33.27 14.30
CA ILE B 105 7.79 32.77 12.90
C ILE B 105 6.43 32.85 12.20
N ILE B 106 5.36 32.40 12.84
CA ILE B 106 3.96 32.46 12.31
C ILE B 106 3.60 33.93 11.98
N ARG B 107 3.98 34.89 12.85
CA ARG B 107 3.72 36.35 12.61
C ARG B 107 4.59 36.83 11.46
N LEU B 108 5.85 36.40 11.42
CA LEU B 108 6.80 36.87 10.38
C LEU B 108 6.31 36.42 9.00
N ASN B 109 5.55 35.33 8.93
CA ASN B 109 4.97 34.78 7.67
C ASN B 109 3.50 35.20 7.52
N LYS B 110 2.97 36.02 8.44
CA LYS B 110 1.63 36.66 8.37
C LYS B 110 0.53 35.58 8.30
N LEU B 111 0.67 34.48 9.03
CA LEU B 111 -0.32 33.39 9.03
C LEU B 111 -1.06 33.38 10.37
N GLU B 112 -0.87 34.41 11.20
CA GLU B 112 -1.38 34.42 12.60
C GLU B 112 -2.92 34.42 12.62
N ASP B 113 -3.61 34.77 11.53
CA ASP B 113 -5.09 34.68 11.49
C ASP B 113 -5.56 33.27 11.14
N THR B 114 -4.67 32.35 10.75
CA THR B 114 -5.05 30.94 10.44
C THR B 114 -4.54 30.02 11.56
N ILE B 115 -3.37 30.33 12.11
CA ILE B 115 -2.65 29.46 13.07
C ILE B 115 -2.66 30.13 14.44
N THR B 116 -3.22 29.45 15.44
CA THR B 116 -3.09 29.78 16.89
C THR B 116 -2.09 28.81 17.53
N LEU B 117 -1.10 29.35 18.26
CA LEU B 117 -0.10 28.56 19.02
C LEU B 117 -0.42 28.63 20.52
N ILE B 118 -0.42 27.48 21.20
CA ILE B 118 -0.79 27.28 22.63
C ILE B 118 0.39 26.60 23.34
N LYS B 119 0.92 27.24 24.38
CA LYS B 119 2.06 26.74 25.18
C LYS B 119 1.52 25.79 26.27
N GLY B 120 2.09 24.59 26.38
CA GLY B 120 1.75 23.59 27.41
C GLY B 120 1.68 22.18 26.86
N LYS B 121 1.42 21.21 27.75
CA LYS B 121 1.26 19.77 27.40
C LYS B 121 -0.09 19.61 26.70
N ILE B 122 -0.14 18.87 25.59
CA ILE B 122 -1.42 18.60 24.86
C ILE B 122 -2.41 17.94 25.82
N GLU B 123 -1.92 17.35 26.91
CA GLU B 123 -2.76 16.58 27.87
C GLU B 123 -3.56 17.53 28.76
N GLU B 124 -3.11 18.77 28.92
CA GLU B 124 -3.70 19.71 29.92
C GLU B 124 -4.07 21.08 29.32
N VAL B 125 -3.51 21.50 28.18
CA VAL B 125 -3.88 22.81 27.54
C VAL B 125 -5.38 22.81 27.27
N HIS B 126 -6.00 23.98 27.15
CA HIS B 126 -7.40 24.14 26.69
C HIS B 126 -7.38 24.65 25.25
N LEU B 127 -8.06 23.93 24.35
CA LEU B 127 -8.15 24.31 22.92
C LEU B 127 -9.42 25.14 22.71
N PRO B 128 -9.40 26.15 21.80
CA PRO B 128 -10.61 26.91 21.47
C PRO B 128 -11.63 26.17 20.59
N VAL B 129 -11.42 24.87 20.34
CA VAL B 129 -12.43 23.98 19.68
C VAL B 129 -12.57 22.72 20.53
N GLU B 130 -13.64 21.96 20.31
CA GLU B 130 -13.93 20.64 20.94
C GLU B 130 -13.37 19.50 20.08
N LYS B 131 -13.46 19.62 18.75
CA LYS B 131 -13.06 18.57 17.78
C LYS B 131 -12.15 19.16 16.71
N VAL B 132 -11.24 18.33 16.18
CA VAL B 132 -10.37 18.66 15.02
C VAL B 132 -10.57 17.58 13.96
N ASP B 133 -10.35 17.93 12.69
CA ASP B 133 -10.55 16.99 11.56
C ASP B 133 -9.28 16.16 11.33
N VAL B 134 -8.10 16.72 11.62
CA VAL B 134 -6.78 16.13 11.26
C VAL B 134 -5.79 16.38 12.39
N ILE B 135 -5.07 15.35 12.79
CA ILE B 135 -3.92 15.49 13.73
C ILE B 135 -2.67 15.16 12.94
N ILE B 136 -1.67 16.04 13.06
CA ILE B 136 -0.33 15.85 12.46
C ILE B 136 0.68 16.04 13.58
N SER B 137 1.77 15.28 13.49
CA SER B 137 2.78 15.16 14.56
C SER B 137 4.05 14.58 13.96
N GLU B 138 5.19 14.91 14.56
CA GLU B 138 6.48 14.20 14.37
C GLU B 138 6.92 13.77 15.76
N TRP B 139 6.44 12.60 16.18
CA TRP B 139 6.51 12.07 17.57
C TRP B 139 7.60 11.00 17.68
N MET B 140 8.17 10.56 16.54
CA MET B 140 9.02 9.35 16.46
C MET B 140 10.35 9.59 17.17
N GLY B 141 10.77 8.64 18.01
CA GLY B 141 12.12 8.64 18.61
C GLY B 141 13.01 7.59 17.98
N TYR B 142 14.23 7.41 18.50
CA TYR B 142 15.12 6.30 18.10
C TYR B 142 14.33 4.99 18.29
N PHE B 143 14.50 4.06 17.35
CA PHE B 143 13.82 2.75 17.35
C PHE B 143 12.31 2.98 17.47
N LEU B 144 11.85 4.13 16.92
CA LEU B 144 10.44 4.59 16.81
C LEU B 144 9.88 5.05 18.16
N LEU B 145 9.98 4.22 19.20
CA LEU B 145 9.17 4.40 20.42
C LEU B 145 9.97 5.06 21.56
N PHE B 146 11.29 5.21 21.48
CA PHE B 146 12.03 5.98 22.52
C PHE B 146 11.37 7.36 22.67
N GLU B 147 11.15 7.78 23.92
CA GLU B 147 10.49 9.08 24.32
C GLU B 147 8.98 8.87 24.53
N SER B 148 8.37 7.83 23.95
CA SER B 148 6.93 7.47 24.16
C SER B 148 6.02 8.66 23.79
N MET B 149 6.38 9.47 22.79
CA MET B 149 5.56 10.67 22.46
C MET B 149 4.27 10.26 21.75
N LEU B 150 4.22 9.09 21.11
CA LEU B 150 3.00 8.55 20.49
C LEU B 150 1.88 8.54 21.54
N ASP B 151 2.23 8.35 22.81
CA ASP B 151 1.23 8.26 23.92
C ASP B 151 0.46 9.59 23.99
N SER B 152 1.16 10.73 23.90
CA SER B 152 0.57 12.09 23.87
C SER B 152 -0.31 12.29 22.63
N VAL B 153 0.12 11.77 21.47
CA VAL B 153 -0.61 11.91 20.17
C VAL B 153 -1.90 11.08 20.26
N LEU B 154 -1.84 9.87 20.81
CA LEU B 154 -3.03 8.99 20.93
C LEU B 154 -4.03 9.59 21.92
N TYR B 155 -3.54 10.25 22.98
CA TYR B 155 -4.38 11.03 23.93
C TYR B 155 -5.16 12.08 23.14
N ALA B 156 -4.44 12.89 22.35
CA ALA B 156 -5.05 13.95 21.50
C ALA B 156 -6.06 13.32 20.56
N LYS B 157 -5.76 12.16 19.95
CA LYS B 157 -6.71 11.48 19.04
C LYS B 157 -8.00 11.15 19.81
N ASN B 158 -7.89 10.44 20.93
CA ASN B 158 -9.04 9.88 21.70
C ASN B 158 -9.96 11.03 22.14
N LYS B 159 -9.38 12.13 22.60
CA LYS B 159 -10.12 13.29 23.15
C LYS B 159 -10.71 14.15 22.01
N TYR B 160 -9.88 14.54 21.03
CA TYR B 160 -10.16 15.70 20.14
C TYR B 160 -10.50 15.30 18.70
N LEU B 161 -10.21 14.08 18.25
CA LEU B 161 -10.42 13.75 16.82
C LEU B 161 -11.91 13.51 16.58
N ALA B 162 -12.47 14.19 15.58
CA ALA B 162 -13.86 14.03 15.10
C ALA B 162 -14.00 12.68 14.40
N LYS B 163 -15.23 12.13 14.36
CA LYS B 163 -15.55 10.86 13.66
C LYS B 163 -15.21 11.03 12.17
N GLY B 164 -14.61 10.01 11.55
CA GLY B 164 -14.08 10.09 10.17
C GLY B 164 -12.92 11.07 10.03
N GLY B 165 -12.31 11.52 11.14
CA GLY B 165 -11.09 12.35 11.11
C GLY B 165 -9.85 11.48 10.95
N SER B 166 -8.67 12.08 10.75
CA SER B 166 -7.44 11.33 10.38
C SER B 166 -6.23 11.83 11.18
N VAL B 167 -5.27 10.92 11.41
CA VAL B 167 -4.00 11.19 12.11
C VAL B 167 -2.86 10.75 11.19
N TYR B 168 -1.85 11.61 11.07
CA TYR B 168 -0.70 11.41 10.15
C TYR B 168 0.58 11.72 10.90
N PRO B 169 1.66 10.95 10.66
CA PRO B 169 1.60 9.77 9.80
C PRO B 169 0.71 8.68 10.40
N ASP B 170 0.05 7.87 9.55
CA ASP B 170 -0.97 6.91 10.02
C ASP B 170 -0.39 5.50 10.17
N ILE B 171 0.70 5.14 9.51
CA ILE B 171 1.22 3.73 9.58
C ILE B 171 2.74 3.76 9.82
N CYS B 172 3.19 2.99 10.81
CA CYS B 172 4.60 2.87 11.25
C CYS B 172 4.93 1.38 11.31
N THR B 173 6.15 0.97 10.93
CA THR B 173 6.65 -0.41 11.14
C THR B 173 8.03 -0.34 11.80
N ILE B 174 8.36 -1.36 12.59
CA ILE B 174 9.72 -1.56 13.18
C ILE B 174 10.27 -2.86 12.59
N SER B 175 11.54 -2.84 12.18
CA SER B 175 12.26 -4.00 11.60
C SER B 175 13.58 -4.22 12.35
N LEU B 176 14.04 -5.49 12.38
CA LEU B 176 15.39 -5.89 12.84
C LEU B 176 16.19 -6.42 11.66
N VAL B 177 17.52 -6.32 11.77
CA VAL B 177 18.46 -6.88 10.76
C VAL B 177 19.73 -7.29 11.48
N ALA B 178 20.30 -8.45 11.11
CA ALA B 178 21.54 -9.00 11.70
C ALA B 178 22.74 -8.24 11.13
N VAL B 179 23.75 -8.08 11.98
CA VAL B 179 25.00 -7.32 11.66
C VAL B 179 26.22 -8.21 11.98
N SER B 180 27.25 -8.11 11.14
CA SER B 180 28.61 -8.66 11.35
C SER B 180 29.59 -7.50 11.29
N ASP B 181 30.11 -7.09 12.44
CA ASP B 181 31.16 -6.06 12.50
C ASP B 181 32.08 -6.36 13.69
N VAL B 182 32.98 -7.34 13.51
CA VAL B 182 33.90 -7.84 14.56
C VAL B 182 34.76 -6.67 15.05
N ASN B 183 35.19 -5.79 14.14
CA ASN B 183 36.09 -4.64 14.49
C ASN B 183 35.32 -3.65 15.39
N LYS B 184 34.09 -3.28 15.03
CA LYS B 184 33.28 -2.34 15.86
C LYS B 184 32.99 -2.99 17.21
N HIS B 185 32.72 -4.30 17.24
CA HIS B 185 32.49 -5.04 18.51
C HIS B 185 33.75 -4.96 19.38
N ALA B 186 34.93 -5.20 18.82
CA ALA B 186 36.23 -5.19 19.54
C ALA B 186 36.49 -3.77 20.09
N ASP B 187 36.21 -2.73 19.31
CA ASP B 187 36.41 -1.31 19.70
C ASP B 187 35.53 -0.96 20.90
N ARG B 188 34.32 -1.54 21.05
CA ARG B 188 33.40 -1.16 22.17
C ARG B 188 33.54 -2.13 23.36
N ILE B 189 33.93 -3.39 23.15
CA ILE B 189 33.86 -4.47 24.19
C ILE B 189 35.26 -5.01 24.51
N ALA B 190 35.94 -5.67 23.57
CA ALA B 190 37.30 -6.22 23.78
C ALA B 190 38.24 -5.09 24.22
N PHE B 191 37.98 -3.86 23.77
CA PHE B 191 38.71 -2.63 24.19
C PHE B 191 39.02 -2.65 25.69
N TRP B 192 38.07 -3.07 26.52
CA TRP B 192 38.13 -2.97 28.00
C TRP B 192 39.00 -4.06 28.64
N ASP B 193 39.51 -5.05 27.87
CA ASP B 193 40.32 -6.18 28.41
C ASP B 193 41.67 -5.65 28.93
N ASP B 194 42.30 -4.77 28.17
CA ASP B 194 43.64 -4.18 28.48
C ASP B 194 43.61 -2.70 28.09
N VAL B 195 43.56 -1.81 29.08
CA VAL B 195 43.61 -0.33 28.91
C VAL B 195 44.94 0.17 29.51
N TYR B 196 45.92 0.49 28.68
CA TYR B 196 47.26 0.96 29.11
C TYR B 196 47.80 -0.01 30.18
N GLY B 197 47.69 -1.32 29.91
CA GLY B 197 48.24 -2.39 30.73
C GLY B 197 47.33 -2.86 31.84
N PHE B 198 46.16 -2.23 32.04
CA PHE B 198 45.25 -2.55 33.18
C PHE B 198 43.98 -3.26 32.70
N LYS B 199 43.49 -4.18 33.53
CA LYS B 199 42.24 -4.93 33.29
C LYS B 199 41.03 -4.06 33.65
N MET B 200 40.11 -3.88 32.70
CA MET B 200 38.86 -3.11 32.95
C MET B 200 37.65 -3.91 32.42
N SER B 201 37.76 -5.25 32.45
CA SER B 201 36.82 -6.21 31.82
C SER B 201 35.44 -6.09 32.44
N CYS B 202 35.35 -5.70 33.70
CA CYS B 202 34.06 -5.53 34.41
C CYS B 202 33.24 -4.38 33.80
N MET B 203 33.84 -3.54 32.96
CA MET B 203 33.09 -2.46 32.26
C MET B 203 32.17 -3.07 31.19
N LYS B 204 32.50 -4.24 30.65
CA LYS B 204 31.73 -4.88 29.54
C LYS B 204 30.26 -4.98 29.93
N LYS B 205 30.00 -5.32 31.19
CA LYS B 205 28.65 -5.55 31.77
C LYS B 205 27.86 -4.24 31.77
N ALA B 206 28.54 -3.09 31.80
CA ALA B 206 27.91 -1.75 31.70
C ALA B 206 27.68 -1.38 30.23
N VAL B 207 28.57 -1.80 29.32
CA VAL B 207 28.55 -1.34 27.90
C VAL B 207 27.47 -2.11 27.12
N ILE B 208 27.41 -3.43 27.30
CA ILE B 208 26.53 -4.34 26.51
C ILE B 208 25.07 -3.87 26.53
N PRO B 209 24.46 -3.57 27.71
CA PRO B 209 23.04 -3.23 27.76
C PRO B 209 22.63 -1.87 27.16
N GLU B 210 23.59 -1.01 26.82
CA GLU B 210 23.27 0.31 26.24
C GLU B 210 23.15 0.18 24.71
N ALA B 211 21.93 0.27 24.19
CA ALA B 211 21.68 0.40 22.73
C ALA B 211 22.53 1.53 22.18
N VAL B 212 23.10 1.37 20.99
CA VAL B 212 23.94 2.42 20.36
C VAL B 212 23.16 3.01 19.18
N VAL B 213 23.10 4.34 19.08
CA VAL B 213 22.44 5.02 17.93
C VAL B 213 23.53 5.47 16.96
N GLU B 214 23.59 4.87 15.79
CA GLU B 214 24.65 5.17 14.80
C GLU B 214 24.19 4.77 13.40
N VAL B 215 24.82 5.39 12.41
CA VAL B 215 24.62 5.07 10.98
C VAL B 215 25.45 3.83 10.68
N LEU B 216 24.77 2.78 10.25
CA LEU B 216 25.35 1.45 10.00
C LEU B 216 25.87 1.42 8.55
N ASP B 217 27.09 0.96 8.35
CA ASP B 217 27.61 0.62 7.00
C ASP B 217 26.76 -0.52 6.47
N PRO B 218 26.05 -0.34 5.33
CA PRO B 218 25.23 -1.41 4.76
C PRO B 218 26.01 -2.66 4.35
N LYS B 219 27.33 -2.58 4.16
CA LYS B 219 28.17 -3.76 3.84
C LYS B 219 28.17 -4.74 5.04
N THR B 220 27.83 -4.29 6.25
CA THR B 220 27.94 -5.11 7.50
C THR B 220 26.63 -5.87 7.77
N LEU B 221 25.61 -5.72 6.92
CA LEU B 221 24.32 -6.44 7.08
C LEU B 221 24.45 -7.88 6.56
N ILE B 222 24.04 -8.86 7.35
CA ILE B 222 24.21 -10.31 7.06
C ILE B 222 22.85 -11.04 7.10
N SER B 223 21.74 -10.32 7.04
CA SER B 223 20.39 -10.94 7.00
C SER B 223 19.46 -10.06 6.19
N GLU B 224 18.37 -10.64 5.68
CA GLU B 224 17.22 -9.84 5.19
C GLU B 224 16.61 -9.20 6.43
N PRO B 225 15.97 -8.02 6.31
CA PRO B 225 15.24 -7.46 7.42
C PRO B 225 14.06 -8.35 7.82
N CYS B 226 13.62 -8.24 9.06
CA CYS B 226 12.34 -8.86 9.54
C CYS B 226 11.50 -7.82 10.28
N GLY B 227 10.26 -7.59 9.85
CA GLY B 227 9.31 -6.70 10.55
C GLY B 227 8.92 -7.31 11.87
N ILE B 228 8.88 -6.52 12.96
CA ILE B 228 8.50 -7.03 14.33
C ILE B 228 7.28 -6.28 14.85
N LYS B 229 6.83 -5.22 14.17
CA LYS B 229 5.69 -4.42 14.65
C LYS B 229 5.09 -3.60 13.50
N HIS B 230 3.77 -3.61 13.40
CA HIS B 230 2.95 -2.73 12.54
C HIS B 230 2.03 -1.95 13.46
N ILE B 231 1.95 -0.63 13.29
CA ILE B 231 1.09 0.29 14.07
C ILE B 231 0.25 1.08 13.07
N ASP B 232 -1.08 1.06 13.23
CA ASP B 232 -1.99 2.02 12.55
C ASP B 232 -2.51 2.94 13.65
N CYS B 233 -2.17 4.22 13.59
CA CYS B 233 -2.51 5.23 14.62
C CYS B 233 -4.03 5.38 14.74
N HIS B 234 -4.81 4.95 13.75
CA HIS B 234 -6.30 5.00 13.81
C HIS B 234 -6.83 3.93 14.76
N THR B 235 -6.18 2.76 14.84
CA THR B 235 -6.70 1.56 15.55
C THR B 235 -5.83 1.19 16.76
N THR B 236 -4.54 1.55 16.80
CA THR B 236 -3.64 1.16 17.92
C THR B 236 -4.13 1.80 19.21
N SER B 237 -3.94 1.11 20.35
CA SER B 237 -4.10 1.65 21.72
C SER B 237 -2.72 1.90 22.32
N ILE B 238 -2.66 2.62 23.44
CA ILE B 238 -1.39 2.89 24.17
C ILE B 238 -0.79 1.55 24.62
N SER B 239 -1.62 0.58 25.01
CA SER B 239 -1.17 -0.73 25.54
C SER B 239 -0.49 -1.57 24.43
N ASP B 240 -0.80 -1.32 23.16
CA ASP B 240 -0.20 -2.05 22.00
C ASP B 240 1.26 -1.67 21.76
N LEU B 241 1.75 -0.59 22.38
CA LEU B 241 3.13 -0.07 22.17
C LEU B 241 4.12 -0.77 23.11
N GLU B 242 3.61 -1.57 24.06
CA GLU B 242 4.37 -2.64 24.75
C GLU B 242 3.99 -3.95 24.07
N PHE B 243 4.94 -4.66 23.49
CA PHE B 243 4.63 -5.81 22.62
C PHE B 243 5.77 -6.82 22.65
N SER B 244 5.50 -8.00 22.11
CA SER B 244 6.45 -9.12 21.94
C SER B 244 6.31 -9.60 20.51
N SER B 245 7.38 -10.06 19.90
CA SER B 245 7.35 -10.62 18.53
C SER B 245 8.37 -11.75 18.42
N ASP B 246 7.96 -12.86 17.81
CA ASP B 246 8.89 -13.87 17.24
C ASP B 246 9.38 -13.28 15.92
N PHE B 247 10.64 -13.47 15.58
CA PHE B 247 11.18 -13.06 14.26
C PHE B 247 12.08 -14.18 13.74
N THR B 248 12.32 -14.16 12.44
CA THR B 248 13.22 -15.07 11.73
C THR B 248 14.12 -14.22 10.84
N LEU B 249 15.41 -14.24 11.08
CA LEU B 249 16.40 -13.54 10.22
C LEU B 249 16.90 -14.57 9.21
N LYS B 250 16.76 -14.25 7.94
CA LYS B 250 17.19 -15.11 6.82
C LYS B 250 18.63 -14.73 6.53
N ILE B 251 19.58 -15.50 7.04
CA ILE B 251 21.02 -15.15 7.00
C ILE B 251 21.47 -15.21 5.55
N THR B 252 22.05 -14.13 5.03
CA THR B 252 22.53 -14.01 3.64
C THR B 252 24.06 -14.07 3.59
N ARG B 253 24.75 -14.41 4.69
CA ARG B 253 26.24 -14.48 4.71
C ARG B 253 26.73 -15.34 5.87
N THR B 254 27.60 -16.31 5.58
CA THR B 254 28.29 -17.11 6.62
C THR B 254 29.30 -16.16 7.26
N SER B 255 29.15 -15.91 8.55
CA SER B 255 29.92 -14.83 9.23
C SER B 255 29.64 -14.87 10.73
N MET B 256 30.37 -14.00 11.44
CA MET B 256 30.18 -13.75 12.88
C MET B 256 29.12 -12.66 13.01
N CYS B 257 27.96 -13.04 13.54
CA CYS B 257 26.89 -12.12 13.96
C CYS B 257 27.30 -11.47 15.29
N THR B 258 27.44 -10.14 15.30
CA THR B 258 28.00 -9.35 16.44
C THR B 258 26.95 -8.44 17.08
N ALA B 259 25.84 -8.18 16.39
CA ALA B 259 24.80 -7.20 16.78
C ALA B 259 23.53 -7.45 15.96
N ILE B 260 22.41 -6.97 16.49
CA ILE B 260 21.10 -6.82 15.79
C ILE B 260 20.81 -5.32 15.74
N ALA B 261 20.47 -4.79 14.56
CA ALA B 261 20.11 -3.39 14.32
C ALA B 261 18.59 -3.27 14.19
N GLY B 262 18.04 -2.19 14.71
CA GLY B 262 16.60 -1.88 14.59
C GLY B 262 16.42 -0.62 13.81
N TYR B 263 15.34 -0.52 13.05
CA TYR B 263 14.95 0.77 12.40
C TYR B 263 13.45 0.75 12.17
N PHE B 264 12.94 1.84 11.61
CA PHE B 264 11.49 1.98 11.38
C PHE B 264 11.20 2.67 10.05
N ASP B 265 9.99 2.43 9.58
CA ASP B 265 9.46 3.00 8.32
C ASP B 265 8.20 3.78 8.67
N ILE B 266 8.00 4.91 8.01
CA ILE B 266 6.87 5.86 8.25
C ILE B 266 6.10 5.96 6.94
N TYR B 267 4.77 5.85 7.03
CA TYR B 267 3.83 5.84 5.87
C TYR B 267 2.72 6.87 6.06
N PHE B 268 2.48 7.66 5.01
CA PHE B 268 1.27 8.50 4.86
C PHE B 268 0.40 7.80 3.82
N GLU B 269 -0.75 7.28 4.23
CA GLU B 269 -1.56 6.35 3.39
C GLU B 269 -3.02 6.81 3.32
N LYS B 270 -3.71 6.90 4.46
CA LYS B 270 -5.19 7.03 4.50
C LYS B 270 -5.62 8.21 3.63
N ASN B 271 -6.48 7.97 2.63
CA ASN B 271 -7.13 9.02 1.80
C ASN B 271 -6.10 9.77 0.96
N CYS B 272 -4.87 9.25 0.79
CA CYS B 272 -3.82 9.92 0.00
C CYS B 272 -3.99 9.57 -1.47
N HIS B 273 -4.03 10.58 -2.35
CA HIS B 273 -3.77 10.36 -3.79
C HIS B 273 -2.27 10.16 -4.00
N ASN B 274 -1.45 10.81 -3.17
CA ASN B 274 0.03 10.77 -3.31
C ASN B 274 0.57 10.23 -1.98
N ARG B 275 0.76 8.91 -1.94
CA ARG B 275 1.28 8.21 -0.74
C ARG B 275 2.71 8.66 -0.52
N VAL B 276 3.14 8.78 0.72
CA VAL B 276 4.54 9.12 1.04
C VAL B 276 5.04 8.07 2.01
N VAL B 277 6.24 7.54 1.75
CA VAL B 277 6.94 6.65 2.71
C VAL B 277 8.37 7.14 2.87
N PHE B 278 8.94 6.97 4.06
CA PHE B 278 10.41 6.97 4.25
C PHE B 278 10.82 5.88 5.24
N SER B 279 12.01 5.34 5.01
CA SER B 279 12.69 4.32 5.83
C SER B 279 13.83 4.99 6.60
N THR B 280 14.09 4.53 7.82
CA THR B 280 15.29 4.94 8.61
C THR B 280 16.31 3.78 8.61
N GLY B 281 16.12 2.81 7.71
CA GLY B 281 16.99 1.62 7.62
C GLY B 281 18.34 1.94 6.98
N PRO B 282 19.34 1.08 7.21
CA PRO B 282 20.71 1.34 6.75
C PRO B 282 20.87 1.26 5.23
N GLN B 283 19.91 0.66 4.52
CA GLN B 283 19.88 0.62 3.03
C GLN B 283 19.34 1.93 2.45
N SER B 284 18.78 2.83 3.26
CA SER B 284 18.17 4.10 2.80
C SER B 284 19.06 5.28 3.23
N THR B 285 18.88 6.42 2.60
CA THR B 285 19.51 7.71 2.96
C THR B 285 19.44 7.92 4.48
N LYS B 286 20.57 8.32 5.07
CA LYS B 286 20.70 8.56 6.54
C LYS B 286 19.71 9.65 6.97
N THR B 287 19.10 9.44 8.14
CA THR B 287 18.21 10.42 8.81
C THR B 287 18.85 10.68 10.17
N HIS B 288 18.32 11.65 10.91
CA HIS B 288 18.84 11.99 12.25
C HIS B 288 18.49 10.84 13.21
N TRP B 289 17.56 9.94 12.85
CA TRP B 289 17.23 8.78 13.72
C TRP B 289 18.32 7.69 13.62
N LYS B 290 19.13 7.73 12.56
CA LYS B 290 20.20 6.75 12.29
C LYS B 290 19.60 5.35 12.37
N GLN B 291 20.30 4.40 13.00
CA GLN B 291 19.80 3.06 13.37
C GLN B 291 20.14 2.81 14.84
N THR B 292 19.37 1.93 15.47
CA THR B 292 19.58 1.51 16.88
C THR B 292 20.28 0.14 16.86
N VAL B 293 21.42 0.02 17.54
CA VAL B 293 22.24 -1.23 17.50
C VAL B 293 22.31 -1.84 18.90
N PHE B 294 21.97 -3.12 19.01
CA PHE B 294 22.04 -3.96 20.23
C PHE B 294 23.24 -4.91 20.07
N LEU B 295 24.35 -4.62 20.73
CA LEU B 295 25.60 -5.44 20.64
C LEU B 295 25.33 -6.77 21.35
N LEU B 296 25.73 -7.90 20.77
CA LEU B 296 25.61 -9.23 21.43
C LEU B 296 26.76 -9.41 22.40
N GLU B 297 26.49 -9.85 23.63
CA GLU B 297 27.53 -10.27 24.61
C GLU B 297 28.44 -11.33 23.95
N LYS B 298 27.85 -12.31 23.26
CA LYS B 298 28.64 -13.43 22.65
C LYS B 298 28.35 -13.49 21.16
N PRO B 299 29.15 -12.82 20.31
CA PRO B 299 29.02 -12.97 18.86
C PRO B 299 29.00 -14.47 18.53
N PHE B 300 28.24 -14.89 17.53
CA PHE B 300 28.11 -16.33 17.20
C PHE B 300 28.10 -16.50 15.69
N SER B 301 28.62 -17.66 15.28
CA SER B 301 28.76 -18.09 13.86
C SER B 301 27.35 -18.32 13.29
N VAL B 302 27.07 -17.75 12.14
CA VAL B 302 25.81 -17.98 11.38
C VAL B 302 26.23 -18.39 9.98
N LYS B 303 25.41 -19.20 9.29
CA LYS B 303 25.68 -19.60 7.88
C LYS B 303 24.52 -19.14 6.98
N ALA B 304 24.86 -18.61 5.82
CA ALA B 304 23.90 -18.19 4.77
C ALA B 304 22.86 -19.31 4.58
N GLY B 305 21.59 -18.93 4.39
CA GLY B 305 20.45 -19.85 4.18
C GLY B 305 19.80 -20.20 5.50
N GLU B 306 20.53 -20.07 6.60
CA GLU B 306 20.02 -20.36 7.96
C GLU B 306 18.83 -19.43 8.22
N ALA B 307 17.82 -19.93 8.93
CA ALA B 307 16.66 -19.16 9.39
C ALA B 307 16.83 -18.98 10.90
N LEU B 308 17.48 -17.89 11.30
CA LEU B 308 17.79 -17.59 12.72
C LEU B 308 16.51 -17.10 13.41
N LYS B 309 16.00 -17.89 14.37
CA LYS B 309 14.76 -17.63 15.15
C LYS B 309 15.11 -16.87 16.43
N GLY B 310 14.41 -15.78 16.70
CA GLY B 310 14.59 -14.97 17.92
C GLY B 310 13.26 -14.46 18.48
N LYS B 311 13.31 -13.91 19.68
CA LYS B 311 12.16 -13.27 20.35
C LYS B 311 12.63 -11.88 20.77
N VAL B 312 11.80 -10.87 20.56
CA VAL B 312 12.04 -9.47 21.03
C VAL B 312 10.82 -9.02 21.81
N THR B 313 11.04 -8.39 22.96
CA THR B 313 9.95 -7.76 23.74
C THR B 313 10.35 -6.32 24.05
N VAL B 314 9.41 -5.38 23.84
CA VAL B 314 9.59 -3.92 24.07
C VAL B 314 8.64 -3.51 25.20
N HIS B 315 9.19 -2.98 26.29
CA HIS B 315 8.46 -2.42 27.45
C HIS B 315 8.89 -0.97 27.66
N LYS B 316 7.98 -0.12 28.12
CA LYS B 316 8.35 1.15 28.79
C LYS B 316 9.18 0.79 30.03
N ASN B 317 10.31 1.48 30.24
CA ASN B 317 11.23 1.22 31.37
C ASN B 317 10.48 1.38 32.70
N ASP B 320 11.63 5.48 34.35
CA ASP B 320 11.27 6.56 33.38
C ASP B 320 10.52 5.93 32.21
N PRO B 321 9.20 6.19 32.06
CA PRO B 321 8.40 5.60 30.98
C PRO B 321 8.59 6.21 29.58
N ARG B 322 9.44 7.25 29.45
CA ARG B 322 9.96 7.78 28.15
C ARG B 322 11.15 6.92 27.68
N SER B 323 11.74 6.13 28.59
CA SER B 323 12.83 5.17 28.30
C SER B 323 12.25 3.81 27.89
N LEU B 324 12.99 3.10 27.06
CA LEU B 324 12.58 1.77 26.52
C LEU B 324 13.45 0.71 27.13
N THR B 325 12.86 -0.47 27.31
CA THR B 325 13.57 -1.75 27.54
C THR B 325 13.30 -2.66 26.35
N VAL B 326 14.35 -3.21 25.78
CA VAL B 326 14.25 -4.18 24.67
C VAL B 326 14.91 -5.48 25.13
N THR B 327 14.13 -6.54 25.25
CA THR B 327 14.64 -7.89 25.62
C THR B 327 14.78 -8.71 24.34
N LEU B 328 15.99 -9.16 24.02
CA LEU B 328 16.28 -10.01 22.85
C LEU B 328 16.71 -11.40 23.30
N THR B 329 16.06 -12.44 22.76
CA THR B 329 16.54 -13.84 22.83
C THR B 329 16.97 -14.26 21.43
N LEU B 330 18.21 -14.76 21.31
CA LEU B 330 18.84 -15.22 20.06
C LEU B 330 19.97 -16.19 20.41
N ASN B 331 20.06 -17.33 19.72
CA ASN B 331 21.14 -18.33 19.94
C ASN B 331 21.15 -18.77 21.41
N ASN B 332 19.98 -19.01 22.00
CA ASN B 332 19.80 -19.48 23.40
C ASN B 332 20.47 -18.53 24.39
N SER B 333 20.49 -17.24 24.06
CA SER B 333 21.07 -16.19 24.91
C SER B 333 20.07 -15.03 24.97
N THR B 334 19.84 -14.47 26.15
CA THR B 334 18.89 -13.38 26.39
C THR B 334 19.62 -12.19 27.00
N GLN B 335 19.37 -10.99 26.49
CA GLN B 335 19.93 -9.73 27.07
C GLN B 335 18.85 -8.65 26.98
N THR B 336 18.73 -7.85 28.03
CA THR B 336 17.83 -6.67 28.06
C THR B 336 18.68 -5.43 27.74
N TYR B 337 18.17 -4.57 26.86
CA TYR B 337 18.88 -3.35 26.40
C TYR B 337 18.03 -2.14 26.72
N GLY B 338 18.71 -1.02 26.98
CA GLY B 338 18.10 0.26 27.36
C GLY B 338 18.43 1.33 26.34
N LEU B 339 17.40 2.08 25.93
CA LEU B 339 17.52 3.46 25.40
C LEU B 339 17.10 4.36 26.56
N GLN B 340 18.05 5.08 27.17
CA GLN B 340 17.87 5.88 28.41
C GLN B 340 18.05 7.37 28.10
#